data_5PON
#
_entry.id   5PON
#
_cell.length_a   56.505
_cell.length_b   56.188
_cell.length_c   101.733
_cell.angle_alpha   90.000
_cell.angle_beta   90.000
_cell.angle_gamma   90.000
#
_symmetry.space_group_name_H-M   'P 21 21 21'
#
loop_
_entity.id
_entity.type
_entity.pdbx_description
1 polymer 'Bromodomain-containing protein 1'
2 non-polymer 1-[4-(pyridin-2-yl)piperazin-1-yl]ethan-1-one
3 non-polymer 'SODIUM ION'
4 non-polymer 1,2-ETHANEDIOL
5 water water
#
_entity_poly.entity_id   1
_entity_poly.type   'polypeptide(L)'
_entity_poly.pdbx_seq_one_letter_code
;MHHHHHHSSGVDLGTENLYFQSMEQVAMELRLTELTRLLRSVLDQLQDKDPARIFAQPVSLKEVPDYLDHIKHPMDFATM
RKRLEAQGYKNLHEFEEDFDLIIDNCMKYNARDTVFYRAAVRLRDQGGVVLRQARREVDSIGLEEASGMHLPERPA
;
_entity_poly.pdbx_strand_id   A,B
#
# COMPACT_ATOMS: atom_id res chain seq x y z
N SER A 22 11.57 -17.77 31.28
CA SER A 22 12.11 -19.01 30.72
C SER A 22 13.34 -18.72 29.88
N MET A 23 14.10 -19.76 29.57
CA MET A 23 15.25 -19.59 28.70
CA MET A 23 15.27 -19.59 28.70
C MET A 23 14.81 -19.27 27.28
N GLU A 24 13.68 -19.83 26.87
CA GLU A 24 13.17 -19.59 25.53
C GLU A 24 12.87 -18.08 25.32
N GLN A 25 12.25 -17.46 26.31
CA GLN A 25 11.98 -16.03 26.23
C GLN A 25 13.25 -15.22 26.08
N VAL A 26 14.27 -15.58 26.87
CA VAL A 26 15.56 -14.88 26.80
C VAL A 26 16.20 -15.04 25.41
N ALA A 27 16.11 -16.26 24.86
CA ALA A 27 16.66 -16.53 23.54
C ALA A 27 15.92 -15.72 22.49
N MET A 28 14.61 -15.62 22.65
CA MET A 28 13.78 -14.82 21.75
C MET A 28 14.17 -13.35 21.81
N GLU A 29 14.31 -12.85 23.04
CA GLU A 29 14.68 -11.47 23.27
C GLU A 29 16.07 -11.16 22.73
N LEU A 30 16.96 -12.16 22.77
CA LEU A 30 18.31 -11.99 22.24
C LEU A 30 18.25 -11.87 20.71
N ARG A 31 17.42 -12.69 20.09
CA ARG A 31 17.23 -12.65 18.64
C ARG A 31 16.65 -11.31 18.20
N LEU A 32 15.66 -10.81 18.93
CA LEU A 32 15.03 -9.52 18.64
C LEU A 32 16.03 -8.38 18.82
N THR A 33 16.89 -8.49 19.82
CA THR A 33 17.92 -7.48 20.04
C THR A 33 18.89 -7.49 18.87
N GLU A 34 19.18 -8.68 18.36
CA GLU A 34 20.11 -8.78 17.25
C GLU A 34 19.47 -8.33 15.95
N LEU A 35 18.18 -8.63 15.78
CA LEU A 35 17.45 -8.10 14.62
C LEU A 35 17.48 -6.58 14.67
N THR A 36 17.23 -6.03 15.86
CA THR A 36 17.24 -4.59 16.06
C THR A 36 18.60 -4.01 15.69
N ARG A 37 19.67 -4.71 16.05
CA ARG A 37 21.01 -4.25 15.70
C ARG A 37 21.21 -4.23 14.18
N LEU A 38 20.75 -5.27 13.51
CA LEU A 38 20.86 -5.36 12.06
C LEU A 38 20.06 -4.25 11.40
N LEU A 39 18.81 -4.08 11.84
CA LEU A 39 17.93 -3.05 11.28
C LEU A 39 18.42 -1.64 11.55
N ARG A 40 19.08 -1.43 12.68
CA ARG A 40 19.69 -0.14 12.96
C ARG A 40 20.75 0.18 11.92
N SER A 41 21.51 -0.83 11.52
CA SER A 41 22.56 -0.66 10.51
C SER A 41 21.92 -0.37 9.15
N VAL A 42 20.88 -1.12 8.83
CA VAL A 42 20.10 -0.86 7.60
C VAL A 42 19.52 0.56 7.58
N LEU A 43 18.92 0.99 8.68
CA LEU A 43 18.32 2.32 8.75
C LEU A 43 19.38 3.40 8.53
N ASP A 44 20.54 3.25 9.19
CA ASP A 44 21.62 4.22 9.00
C ASP A 44 22.07 4.29 7.54
N GLN A 45 22.18 3.13 6.91
CA GLN A 45 22.56 3.06 5.50
C GLN A 45 21.51 3.70 4.59
N LEU A 46 20.24 3.41 4.85
CA LEU A 46 19.18 4.01 4.05
C LEU A 46 19.16 5.52 4.20
N GLN A 47 19.35 5.97 5.44
CA GLN A 47 19.30 7.40 5.70
C GLN A 47 20.47 8.11 5.01
N ASP A 48 21.62 7.44 4.90
CA ASP A 48 22.76 8.01 4.20
C ASP A 48 22.45 8.29 2.72
N LYS A 49 21.44 7.60 2.18
CA LYS A 49 21.03 7.81 0.79
C LYS A 49 20.06 8.98 0.67
N ASP A 50 19.81 9.66 1.79
CA ASP A 50 18.98 10.88 1.82
C ASP A 50 19.84 12.02 2.37
N PRO A 51 20.83 12.46 1.59
CA PRO A 51 21.75 13.47 2.10
C PRO A 51 21.05 14.82 2.32
N ALA A 52 19.98 15.09 1.57
CA ALA A 52 19.23 16.34 1.72
C ALA A 52 18.36 16.35 2.99
N ARG A 53 18.24 15.18 3.63
CA ARG A 53 17.41 14.98 4.83
C ARG A 53 15.95 15.35 4.60
N ILE A 54 15.48 15.10 3.39
CA ILE A 54 14.10 15.33 3.00
C ILE A 54 13.16 14.42 3.78
N PHE A 55 13.65 13.25 4.17
CA PHE A 55 12.80 12.25 4.82
C PHE A 55 13.15 12.02 6.30
N ALA A 56 13.97 12.91 6.84
CA ALA A 56 14.51 12.72 8.19
C ALA A 56 13.46 12.86 9.29
N GLN A 57 12.46 13.71 9.07
CA GLN A 57 11.45 14.10 10.06
C GLN A 57 10.05 14.06 9.48
N PRO A 58 9.02 13.95 10.33
CA PRO A 58 7.65 14.03 9.78
C PRO A 58 7.43 15.30 8.97
N VAL A 59 6.62 15.21 7.91
CA VAL A 59 6.16 16.39 7.19
C VAL A 59 5.44 17.29 8.19
N SER A 60 5.84 18.55 8.24
CA SER A 60 5.27 19.49 9.21
C SER A 60 3.82 19.86 8.90
N LEU A 61 2.93 19.64 9.85
CA LEU A 61 1.52 19.97 9.63
C LEU A 61 1.29 21.49 9.77
N LYS A 62 2.28 22.19 10.32
CA LYS A 62 2.23 23.65 10.36
C LYS A 62 2.53 24.22 8.98
N GLU A 63 3.51 23.63 8.28
CA GLU A 63 3.89 24.09 6.95
C GLU A 63 3.01 23.50 5.85
N VAL A 64 2.48 22.31 6.12
CA VAL A 64 1.65 21.60 5.15
C VAL A 64 0.34 21.18 5.83
N PRO A 65 -0.53 22.16 6.12
CA PRO A 65 -1.70 21.85 6.95
C PRO A 65 -2.69 20.84 6.34
N ASP A 66 -2.69 20.66 5.02
CA ASP A 66 -3.63 19.71 4.42
C ASP A 66 -3.04 18.31 4.25
N TYR A 67 -1.84 18.07 4.79
CA TYR A 67 -1.10 16.85 4.46
C TYR A 67 -1.88 15.58 4.80
N LEU A 68 -2.61 15.59 5.91
CA LEU A 68 -3.31 14.36 6.31
C LEU A 68 -4.58 14.12 5.50
N ASP A 69 -5.06 15.13 4.77
CA ASP A 69 -6.15 14.91 3.80
C ASP A 69 -5.68 14.04 2.65
N HIS A 70 -4.38 14.05 2.39
CA HIS A 70 -3.80 13.33 1.26
C HIS A 70 -3.17 12.02 1.66
N ILE A 71 -2.41 12.06 2.76
CA ILE A 71 -1.61 10.92 3.16
C ILE A 71 -2.15 10.37 4.47
N LYS A 72 -2.68 9.16 4.42
CA LYS A 72 -3.35 8.61 5.59
C LYS A 72 -2.39 7.92 6.57
N HIS A 73 -1.18 7.56 6.12
CA HIS A 73 -0.22 6.92 7.00
C HIS A 73 1.16 7.52 6.82
N PRO A 74 1.39 8.71 7.41
CA PRO A 74 2.68 9.39 7.28
C PRO A 74 3.82 8.57 7.87
N MET A 75 5.01 8.71 7.29
CA MET A 75 6.19 8.03 7.83
C MET A 75 7.44 8.85 7.49
N ASP A 76 8.48 8.64 8.30
CA ASP A 76 9.74 9.34 8.15
C ASP A 76 10.78 8.57 8.93
N PHE A 77 12.05 8.90 8.74
CA PHE A 77 13.12 8.14 9.38
C PHE A 77 13.17 8.30 10.91
N ALA A 78 12.83 9.47 11.43
CA ALA A 78 12.87 9.66 12.89
C ALA A 78 11.82 8.78 13.56
N THR A 79 10.67 8.69 12.93
CA THR A 79 9.58 7.87 13.45
C THR A 79 9.95 6.40 13.37
N MET A 80 10.60 5.98 12.28
CA MET A 80 11.09 4.61 12.18
C MET A 80 12.12 4.30 13.27
N ARG A 81 13.00 5.26 13.54
CA ARG A 81 14.06 5.06 14.51
C ARG A 81 13.48 4.92 15.92
N LYS A 82 12.40 5.65 16.20
CA LYS A 82 11.73 5.53 17.49
C LYS A 82 11.22 4.11 17.70
N ARG A 83 10.50 3.63 16.69
CA ARG A 83 9.93 2.28 16.75
C ARG A 83 11.04 1.24 16.85
N LEU A 84 12.11 1.45 16.07
CA LEU A 84 13.26 0.57 16.08
C LEU A 84 13.84 0.38 17.48
N GLU A 85 14.10 1.47 18.18
CA GLU A 85 14.75 1.40 19.48
C GLU A 85 13.79 0.88 20.55
N ALA A 86 12.49 0.96 20.28
CA ALA A 86 11.49 0.34 21.14
C ALA A 86 11.36 -1.15 20.80
N GLN A 87 12.25 -1.63 19.94
CA GLN A 87 12.22 -2.99 19.41
C GLN A 87 10.84 -3.34 18.85
N GLY A 88 10.25 -2.38 18.12
CA GLY A 88 8.92 -2.51 17.59
C GLY A 88 8.84 -3.12 16.19
N TYR A 89 9.98 -3.47 15.62
CA TYR A 89 9.97 -4.22 14.36
C TYR A 89 10.25 -5.69 14.62
N LYS A 90 9.22 -6.53 14.50
CA LYS A 90 9.34 -7.96 14.79
C LYS A 90 10.07 -8.72 13.68
N ASN A 91 10.05 -8.16 12.48
CA ASN A 91 10.73 -8.78 11.34
C ASN A 91 11.09 -7.72 10.31
N LEU A 92 11.85 -8.11 9.28
CA LEU A 92 12.27 -7.19 8.24
C LEU A 92 11.10 -6.66 7.43
N HIS A 93 10.07 -7.48 7.24
CA HIS A 93 8.90 -7.06 6.48
C HIS A 93 8.24 -5.81 7.07
N GLU A 94 8.08 -5.78 8.39
CA GLU A 94 7.45 -4.63 9.03
C GLU A 94 8.28 -3.37 8.83
N PHE A 95 9.60 -3.53 8.87
CA PHE A 95 10.54 -2.44 8.65
C PHE A 95 10.44 -1.95 7.19
N GLU A 96 10.41 -2.89 6.25
CA GLU A 96 10.30 -2.52 4.84
C GLU A 96 9.00 -1.80 4.52
N GLU A 97 7.91 -2.20 5.20
N GLU A 97 7.91 -2.17 5.20
CA GLU A 97 6.62 -1.57 5.00
CA GLU A 97 6.62 -1.54 4.91
C GLU A 97 6.70 -0.07 5.28
C GLU A 97 6.61 -0.07 5.34
N ASP A 98 7.35 0.26 6.40
CA ASP A 98 7.49 1.67 6.81
C ASP A 98 8.40 2.43 5.84
N PHE A 99 9.46 1.79 5.38
CA PHE A 99 10.36 2.45 4.42
C PHE A 99 9.58 2.76 3.15
N ASP A 100 8.81 1.77 2.69
CA ASP A 100 7.98 1.97 1.50
C ASP A 100 6.97 3.10 1.66
N LEU A 101 6.45 3.28 2.87
CA LEU A 101 5.53 4.39 3.10
C LEU A 101 6.20 5.74 2.85
N ILE A 102 7.44 5.88 3.32
CA ILE A 102 8.17 7.13 3.11
C ILE A 102 8.21 7.48 1.63
N ILE A 103 8.59 6.49 0.82
CA ILE A 103 8.74 6.64 -0.62
CA ILE A 103 8.74 6.68 -0.62
C ILE A 103 7.40 6.86 -1.30
N ASP A 104 6.45 5.99 -0.99
CA ASP A 104 5.18 6.00 -1.72
C ASP A 104 4.35 7.23 -1.36
N ASN A 105 4.40 7.66 -0.09
CA ASN A 105 3.68 8.88 0.28
C ASN A 105 4.22 10.06 -0.51
N CYS A 106 5.54 10.15 -0.59
CA CYS A 106 6.20 11.27 -1.26
C CYS A 106 5.88 11.32 -2.75
N MET A 107 5.85 10.14 -3.36
CA MET A 107 5.60 10.07 -4.80
C MET A 107 4.13 10.30 -5.17
N LYS A 108 3.25 10.32 -4.17
CA LYS A 108 1.86 10.69 -4.41
CA LYS A 108 1.84 10.69 -4.36
C LYS A 108 1.65 12.18 -4.14
N TYR A 109 2.14 12.66 -2.99
CA TYR A 109 1.90 14.05 -2.60
C TYR A 109 2.59 15.04 -3.53
N ASN A 110 3.77 14.68 -4.01
CA ASN A 110 4.55 15.60 -4.84
C ASN A 110 4.54 15.15 -6.27
N ALA A 111 4.46 16.12 -7.19
CA ALA A 111 4.44 15.83 -8.61
C ALA A 111 5.77 15.31 -9.11
N ARG A 112 5.70 14.60 -10.22
CA ARG A 112 6.84 13.94 -10.82
C ARG A 112 8.04 14.88 -11.04
N ASP A 113 7.77 16.14 -11.40
CA ASP A 113 8.85 17.07 -11.69
C ASP A 113 9.23 17.95 -10.49
N THR A 114 9.34 17.34 -9.32
CA THR A 114 9.77 18.06 -8.12
C THR A 114 11.01 17.41 -7.52
N VAL A 115 11.76 18.19 -6.75
CA VAL A 115 12.95 17.68 -6.08
C VAL A 115 12.55 16.60 -5.06
N PHE A 116 11.35 16.71 -4.50
CA PHE A 116 10.87 15.76 -3.51
C PHE A 116 10.59 14.39 -4.16
N TYR A 117 9.82 14.39 -5.25
CA TYR A 117 9.51 13.14 -5.96
C TYR A 117 10.82 12.49 -6.41
N ARG A 118 11.72 13.30 -6.97
CA ARG A 118 12.97 12.75 -7.48
C ARG A 118 13.87 12.20 -6.37
N ALA A 119 13.83 12.83 -5.18
CA ALA A 119 14.60 12.32 -4.05
C ALA A 119 14.08 10.94 -3.63
N ALA A 120 12.75 10.78 -3.68
CA ALA A 120 12.15 9.50 -3.30
C ALA A 120 12.55 8.39 -4.28
N VAL A 121 12.54 8.70 -5.58
CA VAL A 121 12.96 7.73 -6.59
C VAL A 121 14.41 7.27 -6.35
N ARG A 122 15.30 8.25 -6.12
CA ARG A 122 16.71 7.93 -5.86
C ARG A 122 16.88 7.12 -4.58
N LEU A 123 16.13 7.47 -3.53
CA LEU A 123 16.17 6.71 -2.29
C LEU A 123 15.65 5.29 -2.48
N ARG A 124 14.57 5.15 -3.24
CA ARG A 124 14.00 3.84 -3.55
CA ARG A 124 14.03 3.82 -3.51
C ARG A 124 15.03 2.97 -4.27
N ASP A 125 15.65 3.53 -5.29
CA ASP A 125 16.58 2.76 -6.13
C ASP A 125 17.80 2.34 -5.34
N GLN A 126 18.43 3.30 -4.66
CA GLN A 126 19.64 3.04 -3.89
C GLN A 126 19.35 2.19 -2.66
N GLY A 127 18.18 2.38 -2.08
CA GLY A 127 17.79 1.62 -0.90
C GLY A 127 17.53 0.15 -1.23
N GLY A 128 17.09 -0.12 -2.45
CA GLY A 128 16.80 -1.48 -2.87
C GLY A 128 18.00 -2.40 -2.74
N VAL A 129 19.18 -1.86 -2.98
CA VAL A 129 20.41 -2.62 -2.88
C VAL A 129 20.68 -3.06 -1.45
N VAL A 130 20.60 -2.11 -0.53
CA VAL A 130 20.80 -2.34 0.90
C VAL A 130 19.79 -3.35 1.45
N LEU A 131 18.53 -3.17 1.06
CA LEU A 131 17.46 -4.06 1.52
C LEU A 131 17.59 -5.47 0.97
N ARG A 132 18.05 -5.59 -0.27
CA ARG A 132 18.24 -6.88 -0.88
C ARG A 132 19.23 -7.73 -0.07
N GLN A 133 20.31 -7.10 0.38
CA GLN A 133 21.32 -7.84 1.13
C GLN A 133 20.85 -8.10 2.57
N ALA A 134 20.08 -7.15 3.12
CA ALA A 134 19.52 -7.33 4.45
C ALA A 134 18.62 -8.56 4.52
N ARG A 135 17.83 -8.79 3.48
CA ARG A 135 16.93 -9.93 3.45
C ARG A 135 17.73 -11.23 3.47
N ARG A 136 18.82 -11.27 2.72
CA ARG A 136 19.68 -12.45 2.73
C ARG A 136 20.28 -12.68 4.11
N GLU A 137 20.69 -11.61 4.78
CA GLU A 137 21.35 -11.73 6.08
C GLU A 137 20.40 -12.18 7.16
N VAL A 138 19.18 -11.65 7.14
CA VAL A 138 18.15 -12.05 8.10
C VAL A 138 17.80 -13.53 7.94
N ASP A 139 17.56 -13.95 6.70
CA ASP A 139 17.28 -15.35 6.40
C ASP A 139 18.43 -16.27 6.82
N SER A 140 19.64 -15.88 6.44
CA SER A 140 20.83 -16.70 6.69
C SER A 140 21.10 -16.86 8.18
N ILE A 141 21.22 -15.73 8.89
CA ILE A 141 21.49 -15.75 10.32
C ILE A 141 20.30 -16.33 11.09
N GLY A 142 19.11 -16.24 10.49
CA GLY A 142 17.91 -16.78 11.11
C GLY A 142 17.20 -15.77 11.98
N SER B 22 -18.96 -34.01 1.16
CA SER B 22 -18.46 -33.90 2.53
C SER B 22 -18.81 -32.53 3.13
N MET B 23 -18.83 -32.43 4.46
CA MET B 23 -19.19 -31.15 5.08
C MET B 23 -18.21 -30.08 4.63
N GLU B 24 -16.94 -30.46 4.52
CA GLU B 24 -15.87 -29.52 4.19
C GLU B 24 -16.03 -28.96 2.78
N GLN B 25 -16.40 -29.82 1.82
CA GLN B 25 -16.69 -29.39 0.44
C GLN B 25 -17.83 -28.39 0.46
N VAL B 26 -18.92 -28.77 1.13
CA VAL B 26 -20.11 -27.96 1.15
C VAL B 26 -19.81 -26.59 1.78
N ALA B 27 -19.13 -26.58 2.91
CA ALA B 27 -18.80 -25.32 3.55
C ALA B 27 -17.91 -24.44 2.68
N MET B 28 -16.92 -25.03 2.01
CA MET B 28 -16.04 -24.22 1.17
CA MET B 28 -16.03 -24.24 1.16
C MET B 28 -16.78 -23.66 -0.05
N GLU B 29 -17.63 -24.47 -0.67
CA GLU B 29 -18.38 -23.98 -1.81
C GLU B 29 -19.33 -22.86 -1.37
N LEU B 30 -19.90 -22.99 -0.19
CA LEU B 30 -20.73 -21.91 0.35
C LEU B 30 -19.93 -20.62 0.63
N ARG B 31 -18.73 -20.75 1.20
CA ARG B 31 -17.91 -19.57 1.43
C ARG B 31 -17.49 -18.92 0.11
N LEU B 32 -17.19 -19.72 -0.90
CA LEU B 32 -16.87 -19.21 -2.23
C LEU B 32 -18.02 -18.41 -2.80
N THR B 33 -19.22 -18.97 -2.73
CA THR B 33 -20.35 -18.32 -3.39
C THR B 33 -20.79 -17.05 -2.65
N GLU B 34 -20.71 -17.06 -1.32
CA GLU B 34 -21.05 -15.88 -0.55
C GLU B 34 -19.99 -14.78 -0.67
N LEU B 35 -18.71 -15.15 -0.74
CA LEU B 35 -17.67 -14.15 -1.00
C LEU B 35 -17.91 -13.47 -2.34
N THR B 36 -18.25 -14.28 -3.36
CA THR B 36 -18.44 -13.73 -4.70
C THR B 36 -19.63 -12.78 -4.71
N ARG B 37 -20.70 -13.16 -4.01
CA ARG B 37 -21.88 -12.30 -3.90
CA ARG B 37 -21.88 -12.30 -3.91
C ARG B 37 -21.51 -10.96 -3.26
N LEU B 38 -20.74 -11.04 -2.18
CA LEU B 38 -20.30 -9.84 -1.49
C LEU B 38 -19.40 -8.96 -2.35
N LEU B 39 -18.39 -9.55 -2.98
CA LEU B 39 -17.46 -8.76 -3.78
C LEU B 39 -18.14 -8.15 -5.01
N ARG B 40 -19.13 -8.86 -5.57
CA ARG B 40 -19.88 -8.32 -6.70
C ARG B 40 -20.62 -7.06 -6.28
N SER B 41 -21.19 -7.10 -5.09
CA SER B 41 -21.93 -5.96 -4.58
C SER B 41 -20.99 -4.79 -4.26
N VAL B 42 -19.85 -5.09 -3.65
CA VAL B 42 -18.84 -4.08 -3.36
C VAL B 42 -18.36 -3.41 -4.64
N LEU B 43 -18.02 -4.21 -5.65
CA LEU B 43 -17.52 -3.65 -6.91
C LEU B 43 -18.57 -2.75 -7.55
N ASP B 44 -19.83 -3.16 -7.53
N ASP B 44 -19.83 -3.17 -7.51
CA ASP B 44 -20.89 -2.34 -8.08
CA ASP B 44 -20.94 -2.38 -8.03
C ASP B 44 -21.02 -1.03 -7.29
C ASP B 44 -21.04 -1.05 -7.29
N GLN B 45 -20.90 -1.10 -5.97
CA GLN B 45 -20.96 0.12 -5.14
C GLN B 45 -19.81 1.07 -5.45
N LEU B 46 -18.63 0.51 -5.71
CA LEU B 46 -17.49 1.34 -6.03
C LEU B 46 -17.63 1.98 -7.41
N GLN B 47 -18.03 1.20 -8.41
CA GLN B 47 -18.17 1.71 -9.78
CA GLN B 47 -18.11 1.77 -9.75
C GLN B 47 -19.26 2.76 -9.89
N ASP B 48 -20.32 2.59 -9.10
CA ASP B 48 -21.44 3.52 -9.18
CA ASP B 48 -21.46 3.51 -9.13
C ASP B 48 -21.04 4.92 -8.71
N LYS B 49 -19.94 5.01 -7.99
CA LYS B 49 -19.42 6.30 -7.53
C LYS B 49 -18.42 6.90 -8.52
N ASP B 50 -18.25 6.25 -9.66
CA ASP B 50 -17.40 6.76 -10.72
C ASP B 50 -18.22 6.95 -12.00
N PRO B 51 -19.23 7.85 -11.96
CA PRO B 51 -20.05 7.97 -13.17
C PRO B 51 -19.30 8.62 -14.34
N ALA B 52 -18.17 9.27 -14.06
CA ALA B 52 -17.36 9.84 -15.13
C ALA B 52 -16.55 8.76 -15.85
N ARG B 53 -16.56 7.54 -15.29
CA ARG B 53 -15.85 6.39 -15.87
CA ARG B 53 -15.85 6.38 -15.85
C ARG B 53 -14.35 6.62 -15.98
N ILE B 54 -13.80 7.38 -15.04
CA ILE B 54 -12.36 7.66 -15.03
C ILE B 54 -11.55 6.38 -14.79
N PHE B 55 -12.13 5.46 -14.03
CA PHE B 55 -11.45 4.24 -13.59
C PHE B 55 -12.05 2.98 -14.17
N ALA B 56 -12.92 3.13 -15.16
CA ALA B 56 -13.69 2.01 -15.71
C ALA B 56 -12.85 1.05 -16.54
N GLN B 57 -11.88 1.60 -17.28
CA GLN B 57 -11.06 0.84 -18.21
C GLN B 57 -9.59 1.19 -18.03
N PRO B 58 -8.68 0.33 -18.54
CA PRO B 58 -7.26 0.68 -18.41
C PRO B 58 -6.93 2.06 -18.98
N VAL B 59 -5.97 2.74 -18.38
CA VAL B 59 -5.48 3.98 -18.97
C VAL B 59 -4.91 3.65 -20.36
N SER B 60 -5.30 4.43 -21.36
CA SER B 60 -4.87 4.19 -22.74
C SER B 60 -3.45 4.68 -23.01
N LEU B 61 -2.60 3.80 -23.50
CA LEU B 61 -1.25 4.18 -23.88
C LEU B 61 -1.24 5.10 -25.09
N LYS B 62 -2.31 5.03 -25.89
CA LYS B 62 -2.44 5.93 -27.03
C LYS B 62 -2.62 7.36 -26.53
N GLU B 63 -3.48 7.53 -25.54
CA GLU B 63 -3.74 8.84 -24.94
C GLU B 63 -2.61 9.30 -24.02
N VAL B 64 -2.01 8.35 -23.31
CA VAL B 64 -1.00 8.66 -22.30
C VAL B 64 0.26 7.81 -22.54
N PRO B 65 1.06 8.21 -23.52
CA PRO B 65 2.21 7.40 -23.97
C PRO B 65 3.24 7.06 -22.87
N ASP B 66 3.34 7.90 -21.84
CA ASP B 66 4.38 7.67 -20.83
C ASP B 66 3.85 6.96 -19.57
N TYR B 67 2.60 6.49 -19.61
CA TYR B 67 1.97 5.96 -18.41
C TYR B 67 2.78 4.82 -17.79
N LEU B 68 3.23 3.88 -18.62
CA LEU B 68 3.97 2.72 -18.12
C LEU B 68 5.43 3.02 -17.77
N ASP B 69 5.90 4.21 -18.08
CA ASP B 69 7.22 4.63 -17.59
C ASP B 69 7.17 4.74 -16.07
N HIS B 70 5.99 5.02 -15.54
CA HIS B 70 5.86 5.36 -14.13
C HIS B 70 5.02 4.38 -13.36
N ILE B 71 4.02 3.79 -14.01
CA ILE B 71 3.12 2.88 -13.32
C ILE B 71 3.42 1.44 -13.71
N LYS B 72 3.84 0.64 -12.73
CA LYS B 72 4.30 -0.72 -13.04
C LYS B 72 3.20 -1.77 -13.00
N HIS B 73 2.12 -1.49 -12.29
CA HIS B 73 1.00 -2.42 -12.19
C HIS B 73 -0.34 -1.73 -12.37
N PRO B 74 -0.70 -1.43 -13.63
CA PRO B 74 -1.98 -0.78 -13.96
C PRO B 74 -3.18 -1.56 -13.45
N MET B 75 -4.21 -0.85 -13.03
CA MET B 75 -5.44 -1.50 -12.62
C MET B 75 -6.63 -0.59 -12.92
N ASP B 76 -7.80 -1.22 -13.08
CA ASP B 76 -9.05 -0.55 -13.43
C ASP B 76 -10.23 -1.45 -13.06
N PHE B 77 -11.45 -0.90 -13.08
CA PHE B 77 -12.60 -1.67 -12.63
C PHE B 77 -12.95 -2.85 -13.57
N ALA B 78 -12.75 -2.69 -14.87
CA ALA B 78 -13.08 -3.81 -15.76
C ALA B 78 -12.15 -5.00 -15.53
N THR B 79 -10.89 -4.71 -15.25
CA THR B 79 -9.90 -5.74 -14.98
C THR B 79 -10.23 -6.43 -13.64
N MET B 80 -10.75 -5.66 -12.69
CA MET B 80 -11.18 -6.24 -11.41
C MET B 80 -12.41 -7.12 -11.63
N ARG B 81 -13.34 -6.68 -12.46
CA ARG B 81 -14.55 -7.48 -12.69
C ARG B 81 -14.19 -8.82 -13.36
N LYS B 82 -13.25 -8.78 -14.29
CA LYS B 82 -12.80 -9.99 -14.98
C LYS B 82 -12.24 -10.99 -13.97
N ARG B 83 -11.41 -10.49 -13.06
CA ARG B 83 -10.79 -11.36 -12.06
C ARG B 83 -11.84 -11.92 -11.09
N LEU B 84 -12.75 -11.04 -10.67
CA LEU B 84 -13.84 -11.46 -9.78
C LEU B 84 -14.66 -12.60 -10.37
N GLU B 85 -15.08 -12.42 -11.62
CA GLU B 85 -15.99 -13.39 -12.22
C GLU B 85 -15.28 -14.70 -12.56
N ALA B 86 -13.96 -14.63 -12.67
CA ALA B 86 -13.15 -15.82 -12.92
C ALA B 86 -12.73 -16.53 -11.62
N GLN B 87 -13.31 -16.12 -10.50
CA GLN B 87 -12.98 -16.72 -9.20
C GLN B 87 -11.52 -16.48 -8.80
N GLY B 88 -10.97 -15.33 -9.17
CA GLY B 88 -9.59 -15.00 -8.91
C GLY B 88 -9.29 -14.24 -7.63
N TYR B 89 -10.32 -13.87 -6.88
CA TYR B 89 -10.11 -13.30 -5.54
C TYR B 89 -10.39 -14.36 -4.48
N LYS B 90 -9.36 -14.68 -3.71
CA LYS B 90 -9.49 -15.74 -2.70
C LYS B 90 -10.09 -15.21 -1.41
N ASN B 91 -9.99 -13.90 -1.22
CA ASN B 91 -10.51 -13.25 -0.02
C ASN B 91 -10.70 -11.77 -0.27
N LEU B 92 -11.28 -11.08 0.71
CA LEU B 92 -11.52 -9.65 0.58
C LEU B 92 -10.24 -8.85 0.44
N HIS B 93 -9.19 -9.23 1.16
CA HIS B 93 -7.94 -8.48 1.10
C HIS B 93 -7.36 -8.43 -0.32
N GLU B 94 -7.44 -9.54 -1.07
CA GLU B 94 -6.94 -9.52 -2.45
C GLU B 94 -7.70 -8.51 -3.32
N PHE B 95 -9.01 -8.42 -3.11
CA PHE B 95 -9.87 -7.44 -3.78
C PHE B 95 -9.44 -6.03 -3.37
N GLU B 96 -9.30 -5.82 -2.08
CA GLU B 96 -8.84 -4.52 -1.56
CA GLU B 96 -8.83 -4.53 -1.54
C GLU B 96 -7.51 -4.07 -2.17
N GLU B 97 -6.59 -5.02 -2.35
CA GLU B 97 -5.29 -4.67 -2.91
C GLU B 97 -5.42 -4.15 -4.34
N ASP B 98 -6.35 -4.70 -5.11
CA ASP B 98 -6.53 -4.21 -6.48
C ASP B 98 -7.20 -2.84 -6.48
N PHE B 99 -8.17 -2.61 -5.59
CA PHE B 99 -8.77 -1.29 -5.49
C PHE B 99 -7.71 -0.25 -5.10
N ASP B 100 -6.86 -0.60 -4.14
CA ASP B 100 -5.78 0.31 -3.76
C ASP B 100 -4.84 0.63 -4.92
N LEU B 101 -4.60 -0.33 -5.80
CA LEU B 101 -3.79 -0.07 -6.99
C LEU B 101 -4.42 1.03 -7.84
N ILE B 102 -5.73 0.93 -8.07
CA ILE B 102 -6.43 1.95 -8.87
C ILE B 102 -6.17 3.33 -8.28
N ILE B 103 -6.38 3.44 -6.97
CA ILE B 103 -6.24 4.70 -6.27
C ILE B 103 -4.78 5.18 -6.25
N ASP B 104 -3.89 4.28 -5.83
CA ASP B 104 -2.48 4.62 -5.68
C ASP B 104 -1.81 4.98 -7.01
N ASN B 105 -2.13 4.25 -8.07
CA ASN B 105 -1.56 4.57 -9.37
C ASN B 105 -1.96 5.98 -9.81
N CYS B 106 -3.21 6.32 -9.53
CA CYS B 106 -3.75 7.61 -9.97
C CYS B 106 -3.11 8.74 -9.16
N MET B 107 -2.97 8.54 -7.86
CA MET B 107 -2.35 9.57 -7.01
C MET B 107 -0.85 9.72 -7.30
N LYS B 108 -0.21 8.63 -7.73
CA LYS B 108 1.19 8.70 -8.11
CA LYS B 108 1.19 8.67 -8.13
C LYS B 108 1.40 9.37 -9.48
N TYR B 109 0.57 9.01 -10.47
CA TYR B 109 0.79 9.52 -11.82
C TYR B 109 0.45 11.00 -11.94
N ASN B 110 -0.65 11.42 -11.32
CA ASN B 110 -1.18 12.77 -11.46
C ASN B 110 -0.77 13.72 -10.35
N ALA B 111 -0.64 15.00 -10.68
CA ALA B 111 -0.36 16.00 -9.65
C ALA B 111 -1.59 16.21 -8.77
N ARG B 112 -1.39 16.68 -7.54
CA ARG B 112 -2.51 16.90 -6.60
C ARG B 112 -3.61 17.78 -7.17
N ASP B 113 -3.20 18.89 -7.76
CA ASP B 113 -4.13 19.88 -8.27
C ASP B 113 -4.61 19.48 -9.65
N THR B 114 -5.27 18.33 -9.74
CA THR B 114 -5.87 17.86 -10.98
C THR B 114 -7.21 17.17 -10.69
N VAL B 115 -8.06 17.09 -11.71
CA VAL B 115 -9.35 16.46 -11.58
C VAL B 115 -9.22 14.95 -11.31
N PHE B 116 -8.25 14.31 -11.95
CA PHE B 116 -8.08 12.87 -11.78
C PHE B 116 -7.59 12.52 -10.38
N TYR B 117 -6.61 13.26 -9.87
CA TYR B 117 -6.13 13.04 -8.49
C TYR B 117 -7.27 13.27 -7.50
N ARG B 118 -8.01 14.36 -7.66
CA ARG B 118 -9.11 14.65 -6.75
C ARG B 118 -10.17 13.54 -6.81
N ALA B 119 -10.39 12.98 -8.00
CA ALA B 119 -11.35 11.88 -8.12
C ALA B 119 -10.85 10.64 -7.37
N ALA B 120 -9.55 10.37 -7.46
CA ALA B 120 -9.01 9.22 -6.74
C ALA B 120 -9.12 9.38 -5.23
N VAL B 121 -8.82 10.58 -4.71
CA VAL B 121 -8.96 10.82 -3.28
C VAL B 121 -10.43 10.68 -2.82
N ARG B 122 -11.34 11.25 -3.61
CA ARG B 122 -12.77 11.13 -3.34
C ARG B 122 -13.19 9.67 -3.26
N LEU B 123 -12.82 8.90 -4.29
CA LEU B 123 -13.19 7.50 -4.37
C LEU B 123 -12.51 6.65 -3.30
N ARG B 124 -11.27 7.00 -2.94
CA ARG B 124 -10.57 6.31 -1.87
C ARG B 124 -11.33 6.43 -0.56
N ASP B 125 -11.70 7.66 -0.20
N ASP B 125 -11.71 7.65 -0.22
CA ASP B 125 -12.44 7.91 1.03
CA ASP B 125 -12.36 7.90 1.06
C ASP B 125 -13.74 7.13 1.05
C ASP B 125 -13.77 7.25 1.09
N GLN B 126 -14.52 7.31 0.00
CA GLN B 126 -15.80 6.60 -0.12
C GLN B 126 -15.60 5.08 -0.09
N GLY B 127 -14.62 4.60 -0.85
CA GLY B 127 -14.38 3.17 -0.94
C GLY B 127 -13.91 2.57 0.36
N GLY B 128 -13.20 3.37 1.16
CA GLY B 128 -12.72 2.89 2.45
C GLY B 128 -13.88 2.52 3.35
N VAL B 129 -14.94 3.33 3.31
CA VAL B 129 -16.11 3.02 4.12
C VAL B 129 -16.81 1.75 3.62
N VAL B 130 -16.93 1.62 2.30
CA VAL B 130 -17.55 0.43 1.69
C VAL B 130 -16.80 -0.82 2.08
N LEU B 131 -15.48 -0.74 2.05
CA LEU B 131 -14.64 -1.90 2.35
C LEU B 131 -14.62 -2.23 3.83
N ARG B 132 -14.69 -1.22 4.69
CA ARG B 132 -14.79 -1.52 6.12
C ARG B 132 -16.13 -2.21 6.42
N GLN B 133 -17.19 -1.83 5.72
CA GLN B 133 -18.49 -2.49 5.87
C GLN B 133 -18.42 -3.93 5.32
N ALA B 134 -17.69 -4.10 4.22
CA ALA B 134 -17.51 -5.45 3.67
C ALA B 134 -16.77 -6.36 4.65
N ARG B 135 -15.80 -5.80 5.38
CA ARG B 135 -15.07 -6.59 6.39
C ARG B 135 -16.03 -7.03 7.49
N ARG B 136 -16.93 -6.15 7.92
CA ARG B 136 -17.93 -6.54 8.92
C ARG B 136 -18.78 -7.70 8.43
N GLU B 137 -19.13 -7.65 7.14
CA GLU B 137 -19.91 -8.73 6.53
C GLU B 137 -19.12 -10.03 6.46
N VAL B 138 -17.85 -9.95 6.06
CA VAL B 138 -16.97 -11.11 6.07
C VAL B 138 -17.02 -11.80 7.44
N ASP B 139 -16.93 -11.01 8.51
CA ASP B 139 -16.91 -11.57 9.84
C ASP B 139 -18.29 -12.11 10.26
N SER B 140 -19.36 -11.40 9.90
CA SER B 140 -20.72 -11.84 10.23
C SER B 140 -21.09 -13.13 9.49
N ILE B 141 -20.70 -13.21 8.23
CA ILE B 141 -21.05 -14.38 7.41
C ILE B 141 -20.13 -15.57 7.71
N GLY B 142 -18.90 -15.28 8.14
CA GLY B 142 -17.90 -16.29 8.44
C GLY B 142 -17.11 -16.74 7.23
N LEU B 143 -16.77 -15.78 6.37
CA LEU B 143 -16.12 -16.10 5.10
C LEU B 143 -14.65 -16.45 5.25
N GLU B 144 -14.06 -16.15 6.39
CA GLU B 144 -12.69 -16.55 6.68
C GLU B 144 -12.61 -17.51 7.86
#